data_6C48
#
_entry.id   6C48
#
_cell.length_a   60.760
_cell.length_b   30.770
_cell.length_c   105.350
_cell.angle_alpha   90.00
_cell.angle_beta   99.89
_cell.angle_gamma   90.00
#
_symmetry.space_group_name_H-M   'P 1 21 1'
#
loop_
_entity.id
_entity.type
_entity.pdbx_description
1 polymer 'Protein lin-9 homolog'
2 polymer 'Myb-related protein B'
3 polymer 'Protein lin-52 homolog'
4 non-polymer 'SULFATE ION'
5 water water
#
loop_
_entity_poly.entity_id
_entity_poly.type
_entity_poly.pdbx_seq_one_letter_code
_entity_poly.pdbx_strand_id
1 'polypeptide(L)'
;METLGGFPVEFLIQVTRLSKILMIKKEHIKKLREMNTEAEKLKSYSMPISIEFQRRYATIVLELEQLNKDLNKVLHKVQQ
YCYELAPDQGLQPADQPTDMRRRCEEEAQEIVRHANSST
;
A,D
2 'polypeptide(L)' AP(MSE)SSAWKTVACGGTRDQLF(MSE)QEKARQLLGRL F,C
3 'polypeptide(L)' GEFSSPPKWMAEIERDDIDMLKELGSLTTANLMEKVRGLQNLAYQLGLDESREMTRGKFLNILEKPKK B,E
#
# COMPACT_ATOMS: atom_id res chain seq x y z
N MET A 1 -22.93 -0.33 32.81
CA MET A 1 -21.99 -0.83 31.81
C MET A 1 -21.52 -2.26 32.10
N GLU A 2 -21.69 -3.13 31.11
CA GLU A 2 -21.23 -4.51 31.22
C GLU A 2 -19.71 -4.58 31.12
N THR A 3 -19.10 -5.36 32.01
CA THR A 3 -17.66 -5.43 32.12
C THR A 3 -17.20 -6.88 32.15
N LEU A 4 -15.92 -7.08 31.87
CA LEU A 4 -15.31 -8.39 31.99
C LEU A 4 -13.86 -8.15 32.30
N GLY A 5 -13.39 -8.65 33.44
CA GLY A 5 -12.03 -8.42 33.88
C GLY A 5 -11.65 -6.99 34.15
N GLY A 6 -12.62 -6.09 34.30
CA GLY A 6 -12.34 -4.68 34.51
C GLY A 6 -12.46 -3.82 33.27
N PHE A 7 -12.60 -4.43 32.06
CA PHE A 7 -12.75 -3.72 30.80
C PHE A 7 -14.20 -3.70 30.37
N PRO A 8 -14.64 -2.69 29.63
CA PRO A 8 -15.97 -2.75 29.02
C PRO A 8 -16.06 -3.96 28.08
N VAL A 9 -17.09 -4.78 28.31
CA VAL A 9 -17.15 -6.06 27.59
C VAL A 9 -17.36 -5.84 26.09
N GLU A 10 -17.99 -4.74 25.68
CA GLU A 10 -18.20 -4.56 24.26
C GLU A 10 -16.90 -4.21 23.54
N PHE A 11 -15.95 -3.62 24.26
CA PHE A 11 -14.61 -3.40 23.70
C PHE A 11 -13.91 -4.73 23.44
N LEU A 12 -13.84 -5.60 24.45
CA LEU A 12 -13.22 -6.91 24.31
C LEU A 12 -13.87 -7.74 23.21
N ILE A 13 -15.17 -7.56 23.00
CA ILE A 13 -15.87 -8.27 21.93
C ILE A 13 -15.32 -7.83 20.57
N GLN A 14 -15.21 -6.52 20.37
CA GLN A 14 -14.70 -6.01 19.11
C GLN A 14 -13.26 -6.42 18.87
N VAL A 15 -12.45 -6.47 19.94
CA VAL A 15 -11.08 -6.96 19.80
C VAL A 15 -11.06 -8.46 19.50
N THR A 16 -11.96 -9.21 20.13
CA THR A 16 -12.08 -10.62 19.78
C THR A 16 -12.38 -10.77 18.29
N ARG A 17 -13.32 -9.97 17.79
CA ARG A 17 -13.69 -10.07 16.38
C ARG A 17 -12.56 -9.60 15.48
N LEU A 18 -11.87 -8.53 15.86
CA LEU A 18 -10.71 -8.07 15.13
C LEU A 18 -9.68 -9.18 14.98
N SER A 19 -9.28 -9.78 16.10
CA SER A 19 -8.27 -10.83 16.04
C SER A 19 -8.71 -11.99 15.14
N LYS A 20 -9.99 -12.38 15.21
CA LYS A 20 -10.46 -13.53 14.46
C LYS A 20 -10.52 -13.23 12.97
N ILE A 21 -11.00 -12.03 12.61
CA ILE A 21 -11.03 -11.63 11.20
C ILE A 21 -9.62 -11.62 10.61
N LEU A 22 -8.65 -11.06 11.35
CA LEU A 22 -7.29 -10.99 10.83
C LEU A 22 -6.68 -12.38 10.64
N MET A 23 -6.97 -13.31 11.55
CA MET A 23 -6.41 -14.66 11.43
C MET A 23 -6.95 -15.37 10.21
N ILE A 24 -8.25 -15.22 9.92
CA ILE A 24 -8.81 -15.82 8.71
C ILE A 24 -8.26 -15.14 7.47
N LYS A 25 -8.17 -13.80 7.50
CA LYS A 25 -7.70 -13.05 6.34
C LYS A 25 -6.25 -13.36 6.02
N LYS A 26 -5.44 -13.58 7.06
CA LYS A 26 -4.07 -14.03 6.86
C LYS A 26 -4.03 -15.37 6.11
N GLU A 27 -4.87 -16.34 6.51
CA GLU A 27 -4.90 -17.61 5.79
C GLU A 27 -5.28 -17.41 4.33
N HIS A 28 -6.29 -16.58 4.07
CA HIS A 28 -6.72 -16.33 2.71
C HIS A 28 -5.63 -15.69 1.87
N ILE A 29 -4.87 -14.76 2.44
CA ILE A 29 -3.82 -14.09 1.68
C ILE A 29 -2.70 -15.08 1.34
N LYS A 30 -2.37 -15.96 2.30
CA LYS A 30 -1.38 -17.00 2.03
C LYS A 30 -1.80 -17.85 0.84
N LYS A 31 -3.07 -18.26 0.79
CA LYS A 31 -3.53 -19.11 -0.31
C LYS A 31 -3.48 -18.35 -1.63
N LEU A 32 -3.87 -17.08 -1.62
CA LEU A 32 -3.82 -16.27 -2.85
C LEU A 32 -2.38 -16.13 -3.37
N ARG A 33 -1.42 -15.87 -2.49
CA ARG A 33 -0.04 -15.62 -2.91
C ARG A 33 0.56 -16.85 -3.62
N GLU A 34 0.48 -18.03 -3.00
CA GLU A 34 0.80 -19.29 -3.69
C GLU A 34 0.03 -19.54 -4.96
N MET A 35 -1.28 -19.27 -4.99
CA MET A 35 -2.00 -19.45 -6.25
C MET A 35 -1.44 -18.53 -7.34
N ASN A 36 -1.06 -17.31 -6.98
CA ASN A 36 -0.43 -16.40 -7.95
C ASN A 36 0.87 -16.97 -8.50
N THR A 37 1.73 -17.53 -7.64
CA THR A 37 3.01 -18.03 -8.12
C THR A 37 2.81 -19.27 -8.99
N GLU A 38 1.88 -20.15 -8.61
CA GLU A 38 1.51 -21.23 -9.55
C GLU A 38 1.08 -20.66 -10.90
N ALA A 39 0.12 -19.74 -10.89
CA ALA A 39 -0.39 -19.18 -12.13
C ALA A 39 0.72 -18.49 -12.90
N GLU A 40 1.55 -17.72 -12.18
CA GLU A 40 2.73 -17.13 -12.80
C GLU A 40 3.58 -18.16 -13.53
N LYS A 41 3.77 -19.32 -12.90
CA LYS A 41 4.54 -20.40 -13.53
C LYS A 41 3.80 -20.94 -14.74
N LEU A 42 2.51 -21.26 -14.57
CA LEU A 42 1.71 -21.76 -15.69
C LEU A 42 1.74 -20.77 -16.86
N LYS A 43 1.52 -19.49 -16.58
CA LYS A 43 1.46 -18.50 -17.65
C LYS A 43 2.81 -18.39 -18.35
N SER A 44 3.90 -18.47 -17.59
CA SER A 44 5.22 -18.40 -18.19
C SER A 44 5.44 -19.50 -19.21
N TYR A 45 4.89 -20.70 -18.95
CA TYR A 45 5.00 -21.82 -19.88
C TYR A 45 3.82 -21.94 -20.84
N SER A 46 2.95 -20.93 -20.90
CA SER A 46 1.77 -20.98 -21.77
C SER A 46 0.92 -22.20 -21.44
N MET A 47 0.81 -22.51 -20.15
CA MET A 47 0.00 -23.64 -19.76
C MET A 47 -1.35 -23.17 -19.22
N PRO A 48 -2.44 -23.86 -19.54
CA PRO A 48 -3.76 -23.37 -19.15
C PRO A 48 -3.97 -23.42 -17.65
N ILE A 49 -4.82 -22.51 -17.16
CA ILE A 49 -5.29 -22.51 -15.78
C ILE A 49 -6.53 -23.38 -15.69
N SER A 50 -6.55 -24.32 -14.75
CA SER A 50 -7.73 -25.16 -14.60
C SER A 50 -8.95 -24.33 -14.17
N ILE A 51 -10.12 -24.81 -14.57
CA ILE A 51 -11.36 -24.19 -14.13
C ILE A 51 -11.48 -24.26 -12.60
N GLU A 52 -11.04 -25.37 -12.00
CA GLU A 52 -11.14 -25.52 -10.55
C GLU A 52 -10.28 -24.50 -9.82
N PHE A 53 -9.06 -24.28 -10.32
CA PHE A 53 -8.19 -23.24 -9.79
C PHE A 53 -8.87 -21.88 -9.84
N GLN A 54 -9.43 -21.52 -11.00
CA GLN A 54 -10.11 -20.23 -11.12
C GLN A 54 -11.21 -20.10 -10.08
N ARG A 55 -12.02 -21.14 -9.94
CA ARG A 55 -13.15 -21.14 -9.01
C ARG A 55 -12.68 -20.93 -7.59
N ARG A 56 -11.65 -21.67 -7.18
CA ARG A 56 -11.14 -21.56 -5.81
C ARG A 56 -10.59 -20.15 -5.55
N TYR A 57 -9.79 -19.63 -6.49
CA TYR A 57 -9.27 -18.27 -6.45
C TYR A 57 -10.37 -17.22 -6.33
N ALA A 58 -11.38 -17.32 -7.21
CA ALA A 58 -12.50 -16.38 -7.15
C ALA A 58 -13.27 -16.50 -5.84
N THR A 59 -13.35 -17.69 -5.27
CA THR A 59 -14.00 -17.86 -3.98
C THR A 59 -13.22 -17.12 -2.89
N ILE A 60 -11.89 -17.21 -2.91
CA ILE A 60 -11.09 -16.51 -1.90
C ILE A 60 -11.24 -15.01 -2.04
N VAL A 61 -11.33 -14.51 -3.27
CA VAL A 61 -11.49 -13.07 -3.48
C VAL A 61 -12.80 -12.58 -2.88
N LEU A 62 -13.90 -13.29 -3.15
CA LEU A 62 -15.18 -12.85 -2.59
C LEU A 62 -15.23 -13.01 -1.08
N GLU A 63 -14.59 -14.05 -0.52
CA GLU A 63 -14.54 -14.20 0.94
C GLU A 63 -13.75 -13.06 1.56
N LEU A 64 -12.61 -12.71 0.96
CA LEU A 64 -11.87 -11.56 1.45
C LEU A 64 -12.73 -10.30 1.42
N GLU A 65 -13.55 -10.14 0.38
CA GLU A 65 -14.41 -8.97 0.28
C GLU A 65 -15.31 -8.85 1.51
N GLN A 66 -15.88 -9.97 1.94
CA GLN A 66 -16.76 -9.94 3.10
C GLN A 66 -15.96 -9.71 4.38
N LEU A 67 -14.83 -10.41 4.55
CA LEU A 67 -14.01 -10.20 5.73
C LEU A 67 -13.64 -8.73 5.86
N ASN A 68 -13.33 -8.08 4.74
CA ASN A 68 -12.96 -6.67 4.75
C ASN A 68 -14.12 -5.78 5.12
N LYS A 69 -15.34 -6.15 4.71
CA LYS A 69 -16.51 -5.40 5.17
C LYS A 69 -16.68 -5.54 6.67
N ASP A 70 -16.48 -6.75 7.21
CA ASP A 70 -16.53 -6.94 8.66
C ASP A 70 -15.36 -6.25 9.37
N LEU A 71 -14.16 -6.37 8.80
CA LEU A 71 -12.99 -5.70 9.35
C LEU A 71 -13.26 -4.22 9.50
N ASN A 72 -13.76 -3.60 8.43
CA ASN A 72 -14.34 -2.28 8.56
C ASN A 72 -15.53 -2.40 9.49
N LYS A 73 -15.81 -1.34 10.23
CA LYS A 73 -16.81 -1.35 11.32
C LYS A 73 -16.09 -1.86 12.57
N VAL A 74 -15.60 -3.11 12.53
CA VAL A 74 -14.91 -3.62 13.72
C VAL A 74 -13.69 -2.77 14.03
N LEU A 75 -12.89 -2.48 13.00
CA LEU A 75 -11.80 -1.53 13.15
C LEU A 75 -12.30 -0.18 13.62
N HIS A 76 -13.46 0.25 13.12
CA HIS A 76 -13.96 1.55 13.52
C HIS A 76 -14.36 1.54 14.98
N LYS A 77 -15.16 0.53 15.38
CA LYS A 77 -15.56 0.41 16.78
C LYS A 77 -14.36 0.29 17.69
N VAL A 78 -13.35 -0.50 17.30
CA VAL A 78 -12.14 -0.59 18.11
C VAL A 78 -11.47 0.78 18.22
N GLN A 79 -11.30 1.48 17.09
CA GLN A 79 -10.78 2.85 17.13
C GLN A 79 -11.67 3.74 18.00
N GLN A 80 -12.98 3.70 17.77
CA GLN A 80 -13.91 4.50 18.56
C GLN A 80 -13.71 4.22 20.04
N TYR A 81 -13.51 2.94 20.38
CA TYR A 81 -13.41 2.54 21.78
C TYR A 81 -12.12 3.02 22.43
N CYS A 82 -11.06 3.16 21.65
CA CYS A 82 -9.80 3.55 22.28
C CYS A 82 -9.89 5.00 22.76
N TYR A 83 -10.76 5.22 23.75
CA TYR A 83 -10.59 6.37 24.64
C TYR A 83 -9.21 6.29 25.27
N GLU A 84 -8.86 5.08 25.69
CA GLU A 84 -7.60 4.54 26.19
C GLU A 84 -7.95 3.84 27.51
N MET B 1 15.84 32.44 16.11
CA MET B 1 14.93 31.81 15.15
C MET B 1 14.83 32.60 13.84
N GLU B 2 15.27 31.98 12.74
CA GLU B 2 15.12 32.61 11.43
C GLU B 2 13.69 32.39 10.95
N THR B 3 13.09 33.45 10.49
CA THR B 3 11.66 33.44 10.22
C THR B 3 11.37 33.99 8.84
N LEU B 4 10.24 33.55 8.30
CA LEU B 4 9.72 34.01 7.02
C LEU B 4 8.20 33.93 7.12
N GLY B 5 7.54 35.06 6.93
CA GLY B 5 6.10 35.11 7.10
C GLY B 5 5.60 34.78 8.49
N GLY B 6 6.49 34.74 9.49
CA GLY B 6 6.14 34.41 10.85
C GLY B 6 6.43 32.97 11.26
N PHE B 7 6.80 32.10 10.30
CA PHE B 7 7.13 30.70 10.46
C PHE B 7 8.64 30.53 10.53
N PRO B 8 9.15 29.52 11.25
CA PRO B 8 10.57 29.21 11.15
C PRO B 8 10.91 28.87 9.71
N VAL B 9 11.91 29.56 9.17
CA VAL B 9 12.18 29.42 7.75
C VAL B 9 12.58 28.00 7.42
N GLU B 10 13.14 27.27 8.40
CA GLU B 10 13.55 25.89 8.13
C GLU B 10 12.33 24.97 7.96
N PHE B 11 11.19 25.31 8.57
CA PHE B 11 9.96 24.58 8.31
C PHE B 11 9.49 24.77 6.88
N LEU B 12 9.37 26.02 6.44
CA LEU B 12 8.97 26.30 5.07
C LEU B 12 9.91 25.67 4.05
N ILE B 13 11.20 25.56 4.39
CA ILE B 13 12.16 24.93 3.49
C ILE B 13 11.84 23.45 3.31
N GLN B 14 11.55 22.76 4.41
CA GLN B 14 11.22 21.34 4.31
C GLN B 14 9.90 21.13 3.57
N VAL B 15 8.91 21.99 3.81
CA VAL B 15 7.65 21.88 3.07
C VAL B 15 7.87 22.18 1.59
N THR B 16 8.72 23.17 1.28
CA THR B 16 9.06 23.43 -0.11
C THR B 16 9.68 22.20 -0.77
N ARG B 17 10.64 21.57 -0.09
CA ARG B 17 11.30 20.40 -0.66
C ARG B 17 10.34 19.22 -0.75
N LEU B 18 9.48 19.07 0.25
CA LEU B 18 8.44 18.06 0.22
C LEU B 18 7.59 18.18 -1.04
N SER B 19 7.04 19.37 -1.25
CA SER B 19 6.20 19.61 -2.42
C SER B 19 6.96 19.36 -3.72
N LYS B 20 8.22 19.80 -3.79
CA LYS B 20 8.95 19.63 -5.04
C LYS B 20 9.24 18.17 -5.32
N ILE B 21 9.65 17.43 -4.29
CA ILE B 21 9.91 16.00 -4.45
C ILE B 21 8.66 15.29 -4.95
N LEU B 22 7.51 15.60 -4.35
CA LEU B 22 6.27 14.94 -4.74
C LEU B 22 5.89 15.26 -6.19
N MET B 23 6.14 16.50 -6.63
CA MET B 23 5.79 16.86 -8.00
C MET B 23 6.65 16.09 -8.98
N ILE B 24 7.93 15.89 -8.67
CA ILE B 24 8.79 15.10 -9.54
C ILE B 24 8.39 13.63 -9.49
N LYS B 25 8.15 13.11 -8.28
CA LYS B 25 7.81 11.70 -8.08
C LYS B 25 6.49 11.34 -8.74
N LYS B 26 5.51 12.25 -8.70
CA LYS B 26 4.28 12.05 -9.48
C LYS B 26 4.60 11.83 -10.96
N GLU B 27 5.45 12.68 -11.54
CA GLU B 27 5.79 12.56 -12.95
C GLU B 27 6.44 11.23 -13.26
N HIS B 28 7.39 10.80 -12.42
CA HIS B 28 8.05 9.50 -12.60
C HIS B 28 7.04 8.37 -12.53
N ILE B 29 6.08 8.43 -11.60
CA ILE B 29 5.10 7.36 -11.46
C ILE B 29 4.20 7.28 -12.69
N LYS B 30 3.79 8.44 -13.20
CA LYS B 30 3.04 8.45 -14.45
C LYS B 30 3.86 7.84 -15.59
N LYS B 31 5.17 8.13 -15.67
CA LYS B 31 5.97 7.54 -16.74
C LYS B 31 6.07 6.02 -16.58
N LEU B 32 6.32 5.56 -15.35
CA LEU B 32 6.39 4.12 -15.10
C LEU B 32 5.08 3.42 -15.45
N ARG B 33 3.95 4.02 -15.08
CA ARG B 33 2.65 3.40 -15.30
C ARG B 33 2.41 3.17 -16.80
N GLU B 34 2.58 4.21 -17.60
CA GLU B 34 2.44 4.09 -19.06
C GLU B 34 3.46 3.10 -19.64
N MET B 35 4.70 3.14 -19.17
CA MET B 35 5.65 2.15 -19.65
C MET B 35 5.21 0.72 -19.32
N ASN B 36 4.60 0.51 -18.14
CA ASN B 36 4.10 -0.83 -17.80
C ASN B 36 3.02 -1.26 -18.77
N THR B 37 2.14 -0.34 -19.15
CA THR B 37 1.03 -0.66 -20.02
C THR B 37 1.51 -1.07 -21.41
N GLU B 38 2.49 -0.34 -21.95
CA GLU B 38 3.16 -0.75 -23.20
C GLU B 38 3.77 -2.14 -23.06
N ALA B 39 4.58 -2.32 -22.01
CA ALA B 39 5.27 -3.58 -21.80
C ALA B 39 4.27 -4.73 -21.65
N GLU B 40 3.20 -4.48 -20.89
CA GLU B 40 2.13 -5.44 -20.77
C GLU B 40 1.60 -5.86 -22.15
N LYS B 41 1.39 -4.90 -23.05
CA LYS B 41 0.93 -5.22 -24.38
C LYS B 41 2.01 -5.96 -25.17
N LEU B 42 3.24 -5.44 -25.17
CA LEU B 42 4.33 -6.11 -25.88
C LEU B 42 4.46 -7.55 -25.40
N LYS B 43 4.48 -7.75 -24.09
CA LYS B 43 4.65 -9.11 -23.58
C LYS B 43 3.46 -9.98 -23.97
N SER B 44 2.26 -9.42 -23.96
CA SER B 44 1.09 -10.19 -24.34
C SER B 44 1.19 -10.69 -25.78
N TYR B 45 1.82 -9.90 -26.67
CA TYR B 45 2.01 -10.31 -28.07
C TYR B 45 3.35 -10.99 -28.30
N SER B 46 4.08 -11.35 -27.25
CA SER B 46 5.37 -11.98 -27.39
C SER B 46 6.32 -11.10 -28.22
N MET B 47 6.21 -9.80 -28.00
CA MET B 47 7.07 -8.86 -28.69
C MET B 47 8.19 -8.40 -27.78
N PRO B 48 9.41 -8.26 -28.30
CA PRO B 48 10.54 -7.92 -27.45
C PRO B 48 10.44 -6.50 -26.92
N ILE B 49 11.02 -6.29 -25.73
CA ILE B 49 11.21 -4.96 -25.16
C ILE B 49 12.53 -4.41 -25.66
N SER B 50 12.53 -3.19 -26.16
CA SER B 50 13.77 -2.60 -26.65
C SER B 50 14.75 -2.36 -25.51
N ILE B 51 16.04 -2.43 -25.86
CA ILE B 51 17.08 -2.09 -24.89
C ILE B 51 16.91 -0.66 -24.39
N GLU B 52 16.52 0.27 -25.26
CA GLU B 52 16.33 1.66 -24.83
C GLU B 52 15.20 1.81 -23.82
N PHE B 53 14.10 1.08 -24.04
CA PHE B 53 12.99 1.07 -23.12
C PHE B 53 13.44 0.61 -21.75
N GLN B 54 14.15 -0.52 -21.69
CA GLN B 54 14.63 -1.04 -20.42
C GLN B 54 15.50 -0.01 -19.70
N ARG B 55 16.41 0.63 -20.44
CA ARG B 55 17.33 1.58 -19.85
C ARG B 55 16.60 2.74 -19.21
N ARG B 56 15.63 3.32 -19.92
CA ARG B 56 14.83 4.41 -19.37
C ARG B 56 14.01 3.96 -18.15
N TYR B 57 13.34 2.81 -18.25
CA TYR B 57 12.59 2.27 -17.12
C TYR B 57 13.50 2.14 -15.90
N ALA B 58 14.66 1.51 -16.10
CA ALA B 58 15.64 1.37 -15.02
C ALA B 58 16.11 2.73 -14.52
N THR B 59 16.20 3.71 -15.40
CA THR B 59 16.60 5.04 -14.95
C THR B 59 15.53 5.68 -14.07
N ILE B 60 14.26 5.49 -14.41
CA ILE B 60 13.19 6.02 -13.57
C ILE B 60 13.18 5.33 -12.21
N VAL B 61 13.45 4.02 -12.20
CA VAL B 61 13.44 3.29 -10.93
C VAL B 61 14.49 3.84 -9.98
N LEU B 62 15.73 4.02 -10.49
CA LEU B 62 16.80 4.51 -9.63
C LEU B 62 16.59 5.97 -9.21
N GLU B 63 16.00 6.80 -10.08
CA GLU B 63 15.66 8.17 -9.70
C GLU B 63 14.58 8.19 -8.61
N LEU B 64 13.56 7.34 -8.73
CA LEU B 64 12.58 7.23 -7.66
C LEU B 64 13.26 6.85 -6.34
N GLU B 65 14.28 5.99 -6.41
CA GLU B 65 14.97 5.57 -5.21
C GLU B 65 15.64 6.75 -4.50
N GLN B 66 16.31 7.60 -5.26
CA GLN B 66 16.95 8.75 -4.63
C GLN B 66 15.92 9.76 -4.14
N LEU B 67 14.89 10.03 -4.95
CA LEU B 67 13.81 10.92 -4.51
C LEU B 67 13.22 10.42 -3.20
N ASN B 68 13.02 9.10 -3.08
CA ASN B 68 12.44 8.53 -1.86
C ASN B 68 13.37 8.66 -0.66
N LYS B 69 14.68 8.58 -0.89
CA LYS B 69 15.62 8.82 0.20
C LYS B 69 15.51 10.25 0.71
N ASP B 70 15.36 11.22 -0.20
CA ASP B 70 15.15 12.59 0.23
C ASP B 70 13.79 12.75 0.89
N LEU B 71 12.78 12.10 0.31
CA LEU B 71 11.42 12.14 0.83
C LEU B 71 11.37 11.68 2.28
N ASN B 72 12.04 10.57 2.59
CA ASN B 72 12.11 10.08 3.97
C ASN B 72 12.69 11.13 4.91
N LYS B 73 13.77 11.80 4.50
CA LYS B 73 14.36 12.81 5.35
C LYS B 73 13.38 13.96 5.55
N VAL B 74 12.88 14.51 4.44
CA VAL B 74 12.01 15.69 4.51
C VAL B 74 10.74 15.40 5.33
N LEU B 75 10.09 14.25 5.11
CA LEU B 75 8.90 13.88 5.88
C LEU B 75 9.18 13.84 7.38
N HIS B 76 10.37 13.38 7.77
CA HIS B 76 10.72 13.33 9.17
C HIS B 76 10.86 14.72 9.74
N LYS B 77 11.55 15.61 9.02
CA LYS B 77 11.67 16.98 9.48
C LYS B 77 10.30 17.65 9.54
N VAL B 78 9.49 17.49 8.49
CA VAL B 78 8.15 18.10 8.44
C VAL B 78 7.25 17.57 9.56
N GLN B 79 7.15 16.24 9.67
CA GLN B 79 6.43 15.61 10.76
C GLN B 79 6.91 16.15 12.09
N GLN B 80 8.22 16.13 12.31
CA GLN B 80 8.70 16.62 13.58
C GLN B 80 8.36 18.09 13.81
N TYR B 81 8.32 18.88 12.72
CA TYR B 81 8.03 20.31 12.86
C TYR B 81 6.56 20.53 13.20
N CYS B 82 5.66 19.68 12.70
CA CYS B 82 4.23 19.83 12.97
C CYS B 82 3.83 19.42 14.40
N TYR B 83 4.61 18.53 15.04
CA TYR B 83 4.51 18.38 16.49
C TYR B 83 4.70 19.70 17.22
N GLU B 84 5.64 20.53 16.76
CA GLU B 84 5.78 21.87 17.35
C GLU B 84 4.67 22.81 16.90
N LEU B 85 4.60 23.09 15.60
CA LEU B 85 3.82 24.23 15.14
C LEU B 85 2.32 23.95 15.09
N ALA B 86 1.92 22.72 14.91
CA ALA B 86 0.50 22.58 14.66
C ALA B 86 -0.27 22.36 15.95
N PRO B 87 -1.52 22.85 16.01
CA PRO B 87 -2.45 22.66 17.14
C PRO B 87 -2.89 21.21 17.35
N SER C 5 6.68 1.69 12.31
CA SER C 5 5.57 2.15 11.47
C SER C 5 5.55 1.42 10.12
N ALA C 6 4.56 1.78 9.30
CA ALA C 6 4.45 1.26 7.96
C ALA C 6 3.84 2.31 7.05
N TRP C 7 3.39 3.43 7.63
CA TRP C 7 3.00 4.57 6.81
C TRP C 7 4.14 4.99 5.90
N LYS C 8 5.35 5.15 6.47
CA LYS C 8 6.48 5.58 5.65
C LYS C 8 7.01 4.48 4.74
N THR C 9 6.71 3.21 4.98
CA THR C 9 7.10 2.20 3.99
C THR C 9 6.42 2.47 2.65
N VAL C 10 5.12 2.72 2.67
CA VAL C 10 4.37 3.07 1.47
C VAL C 10 4.77 4.45 0.97
N ALA C 11 4.70 5.45 1.85
CA ALA C 11 4.95 6.83 1.45
C ALA C 11 6.36 7.05 0.88
N CYS C 12 7.35 6.30 1.34
CA CYS C 12 8.74 6.50 0.91
C CYS C 12 9.28 5.34 0.09
N GLY C 13 8.41 4.68 -0.68
CA GLY C 13 8.85 3.68 -1.63
C GLY C 13 9.65 2.54 -1.02
N GLY C 14 9.17 1.95 0.08
CA GLY C 14 9.87 0.87 0.74
C GLY C 14 9.28 -0.52 0.62
N THR C 15 8.27 -0.74 -0.23
CA THR C 15 7.68 -2.06 -0.36
C THR C 15 8.65 -3.05 -0.99
N ARG C 16 8.39 -4.34 -0.75
CA ARG C 16 9.35 -5.38 -1.14
C ARG C 16 9.65 -5.37 -2.63
N ASP C 17 8.62 -5.19 -3.46
CA ASP C 17 8.84 -5.24 -4.91
C ASP C 17 9.61 -4.02 -5.41
N GLN C 18 9.47 -2.87 -4.75
CA GLN C 18 10.24 -1.69 -5.17
C GLN C 18 11.73 -1.89 -4.90
N LEU C 19 12.07 -2.44 -3.72
CA LEU C 19 13.45 -2.78 -3.43
C LEU C 19 13.98 -3.82 -4.40
N PHE C 20 13.13 -4.77 -4.82
CA PHE C 20 13.55 -5.73 -5.83
C PHE C 20 13.85 -5.04 -7.15
N GLN C 22 14.57 -1.97 -7.67
CA GLN C 22 15.74 -1.11 -7.55
C GLN C 22 17.03 -1.90 -7.76
N GLU C 23 17.08 -3.12 -7.23
CA GLU C 23 18.27 -3.94 -7.43
C GLU C 23 18.39 -4.39 -8.89
N LYS C 24 17.29 -4.81 -9.51
CA LYS C 24 17.33 -5.17 -10.93
C LYS C 24 17.72 -3.97 -11.79
N ALA C 25 17.26 -2.77 -11.43
CA ALA C 25 17.62 -1.58 -12.17
C ALA C 25 19.11 -1.29 -12.04
N ARG C 26 19.66 -1.46 -10.83
CA ARG C 26 21.11 -1.35 -10.65
C ARG C 26 21.85 -2.35 -11.54
N GLN C 27 21.40 -3.61 -11.55
CA GLN C 27 22.07 -4.63 -12.35
C GLN C 27 22.00 -4.33 -13.83
N LEU C 28 20.84 -3.92 -14.32
CA LEU C 28 20.72 -3.62 -15.75
C LEU C 28 21.58 -2.43 -16.15
N LEU C 29 21.73 -1.44 -15.28
CA LEU C 29 22.52 -0.27 -15.64
C LEU C 29 23.99 -0.38 -15.24
N GLY C 30 24.37 -1.44 -14.54
CA GLY C 30 25.76 -1.57 -14.09
C GLY C 30 26.13 -0.59 -13.00
N ARG C 31 25.21 -0.32 -12.05
CA ARG C 31 25.47 0.60 -10.94
C ARG C 31 25.41 -0.18 -9.64
N LEU C 32 26.39 0.08 -8.76
CA LEU C 32 26.34 -0.48 -7.40
C LEU C 32 25.21 0.16 -6.59
N SER D 5 -7.10 7.80 7.28
CA SER D 5 -8.11 8.14 6.27
C SER D 5 -7.98 7.24 5.03
N ALA D 6 -6.79 7.20 4.44
CA ALA D 6 -6.47 6.23 3.40
C ALA D 6 -5.73 5.02 3.96
N TRP D 7 -5.44 5.06 5.26
CA TRP D 7 -4.79 3.93 5.91
C TRP D 7 -5.77 2.76 5.95
N LYS D 8 -7.06 3.06 5.84
CA LYS D 8 -8.12 2.06 5.85
C LYS D 8 -8.26 1.43 4.47
N THR D 9 -7.86 2.16 3.44
CA THR D 9 -7.92 1.66 2.08
C THR D 9 -7.11 0.38 2.03
N VAL D 10 -5.90 0.47 2.58
CA VAL D 10 -5.01 -0.69 2.69
C VAL D 10 -5.57 -1.69 3.69
N ALA D 11 -5.85 -1.25 4.92
CA ALA D 11 -6.24 -2.18 5.97
C ALA D 11 -7.50 -2.96 5.61
N CYS D 12 -8.43 -2.36 4.86
CA CYS D 12 -9.68 -3.03 4.54
C CYS D 12 -9.82 -3.37 3.07
N GLY D 13 -8.70 -3.62 2.39
CA GLY D 13 -8.75 -4.15 1.05
C GLY D 13 -9.57 -3.34 0.07
N GLY D 14 -9.33 -2.03 0.01
CA GLY D 14 -10.05 -1.15 -0.88
C GLY D 14 -9.28 -0.62 -2.07
N THR D 15 -8.10 -1.15 -2.38
CA THR D 15 -7.34 -0.62 -3.51
C THR D 15 -8.00 -0.97 -4.84
N ARG D 16 -7.63 -0.19 -5.86
CA ARG D 16 -8.29 -0.23 -7.17
C ARG D 16 -8.23 -1.63 -7.80
N ASP D 17 -7.08 -2.31 -7.71
CA ASP D 17 -7.02 -3.65 -8.29
C ASP D 17 -7.83 -4.67 -7.49
N GLN D 18 -7.95 -4.50 -6.17
CA GLN D 18 -8.75 -5.44 -5.40
C GLN D 18 -10.23 -5.31 -5.75
N LEU D 19 -10.73 -4.08 -5.88
CA LEU D 19 -12.11 -3.88 -6.31
C LEU D 19 -12.32 -4.44 -7.71
N PHE D 20 -11.30 -4.33 -8.56
CA PHE D 20 -11.37 -4.93 -9.90
C PHE D 20 -11.47 -6.44 -9.79
N GLN D 22 -12.48 -8.26 -7.39
CA GLN D 22 -13.76 -8.66 -6.81
C GLN D 22 -14.85 -8.68 -7.86
N GLU D 23 -14.80 -7.72 -8.79
CA GLU D 23 -15.73 -7.67 -9.91
C GLU D 23 -15.55 -8.87 -10.83
N LYS D 24 -14.30 -9.22 -11.16
CA LYS D 24 -14.05 -10.39 -11.99
C LYS D 24 -14.48 -11.67 -11.28
N ALA D 25 -14.29 -11.74 -9.96
CA ALA D 25 -14.68 -12.95 -9.23
C ALA D 25 -16.19 -13.12 -9.24
N ARG D 26 -16.93 -12.03 -9.04
CA ARG D 26 -18.39 -12.10 -9.15
C ARG D 26 -18.80 -12.60 -10.53
N GLN D 27 -18.18 -12.05 -11.59
CA GLN D 27 -18.54 -12.44 -12.95
C GLN D 27 -18.21 -13.90 -13.23
N LEU D 28 -17.04 -14.35 -12.77
CA LEU D 28 -16.63 -15.73 -13.02
C LEU D 28 -17.54 -16.72 -12.31
N LEU D 29 -18.05 -16.36 -11.13
CA LEU D 29 -18.93 -17.23 -10.37
C LEU D 29 -20.41 -17.01 -10.66
N GLY D 30 -20.77 -16.00 -11.45
CA GLY D 30 -22.17 -15.72 -11.71
C GLY D 30 -22.92 -15.13 -10.52
N ARG D 31 -22.29 -14.24 -9.75
CA ARG D 31 -22.90 -13.60 -8.60
C ARG D 31 -23.03 -12.09 -8.83
N LEU D 32 -24.18 -11.52 -8.46
CA LEU D 32 -24.40 -10.07 -8.56
C LEU D 32 -23.43 -9.27 -7.69
N ARG E 15 -17.09 -21.39 22.35
CA ARG E 15 -16.10 -21.88 21.40
C ARG E 15 -14.78 -21.14 21.56
N ASP E 16 -13.89 -21.31 20.59
CA ASP E 16 -12.59 -20.65 20.62
C ASP E 16 -12.74 -19.13 20.60
N ASP E 17 -13.97 -18.67 20.41
CA ASP E 17 -14.25 -17.22 20.39
C ASP E 17 -14.50 -16.66 21.79
N ILE E 18 -15.39 -17.30 22.56
CA ILE E 18 -15.55 -16.97 23.97
C ILE E 18 -14.24 -17.15 24.73
N ASP E 19 -13.44 -18.16 24.35
CA ASP E 19 -12.16 -18.34 25.02
C ASP E 19 -11.22 -17.18 24.74
N MET E 20 -11.22 -16.67 23.51
CA MET E 20 -10.45 -15.48 23.19
C MET E 20 -10.96 -14.27 23.98
N LEU E 21 -12.29 -14.10 24.04
CA LEU E 21 -12.89 -13.03 24.83
C LEU E 21 -12.44 -13.09 26.30
N LYS E 22 -12.47 -14.28 26.90
CA LYS E 22 -11.97 -14.44 28.27
C LYS E 22 -10.47 -14.15 28.34
N GLU E 23 -9.71 -14.63 27.35
CA GLU E 23 -8.27 -14.39 27.33
C GLU E 23 -7.98 -12.89 27.37
N LEU E 24 -8.70 -12.11 26.55
CA LEU E 24 -8.51 -10.66 26.53
C LEU E 24 -8.88 -10.00 27.87
N GLY E 25 -10.01 -10.41 28.48
CA GLY E 25 -10.44 -9.82 29.73
C GLY E 25 -9.53 -10.09 30.90
N SER E 26 -8.69 -11.11 30.80
CA SER E 26 -7.75 -11.47 31.84
C SER E 26 -6.42 -10.74 31.73
N LEU E 27 -6.26 -9.87 30.74
CA LEU E 27 -5.02 -9.12 30.57
C LEU E 27 -5.03 -7.84 31.39
N THR E 28 -3.84 -7.38 31.74
CA THR E 28 -3.69 -6.02 32.24
C THR E 28 -4.10 -5.03 31.16
N THR E 29 -4.37 -3.78 31.59
CA THR E 29 -4.69 -2.72 30.63
C THR E 29 -3.54 -2.48 29.66
N ALA E 30 -2.31 -2.41 30.16
CA ALA E 30 -1.17 -2.23 29.27
C ALA E 30 -1.09 -3.35 28.24
N ASN E 31 -1.32 -4.61 28.65
CA ASN E 31 -1.16 -5.69 27.68
C ASN E 31 -2.32 -5.74 26.68
N LEU E 32 -3.54 -5.38 27.11
CA LEU E 32 -4.65 -5.28 26.18
C LEU E 32 -4.38 -4.22 25.14
N MET E 33 -3.89 -3.05 25.57
CA MET E 33 -3.54 -1.98 24.64
C MET E 33 -2.44 -2.40 23.66
N GLU E 34 -1.38 -3.08 24.14
CA GLU E 34 -0.39 -3.58 23.19
C GLU E 34 -1.03 -4.51 22.15
N LYS E 35 -1.95 -5.36 22.60
CA LYS E 35 -2.61 -6.30 21.70
C LYS E 35 -3.40 -5.54 20.64
N VAL E 36 -4.22 -4.57 21.08
CA VAL E 36 -4.98 -3.75 20.13
C VAL E 36 -4.04 -3.11 19.12
N ARG E 37 -2.92 -2.57 19.59
CA ARG E 37 -1.96 -1.94 18.70
C ARG E 37 -1.35 -2.96 17.74
N GLY E 38 -0.96 -4.13 18.26
CA GLY E 38 -0.46 -5.18 17.40
C GLY E 38 -1.48 -5.62 16.37
N LEU E 39 -2.75 -5.72 16.77
CA LEU E 39 -3.78 -6.14 15.83
C LEU E 39 -4.03 -5.08 14.79
N GLN E 40 -3.95 -3.80 15.18
CA GLN E 40 -4.11 -2.75 14.20
C GLN E 40 -2.94 -2.75 13.22
N ASN E 41 -1.71 -2.90 13.73
CA ASN E 41 -0.56 -3.00 12.84
C ASN E 41 -0.68 -4.21 11.92
N LEU E 42 -1.19 -5.32 12.45
CA LEU E 42 -1.35 -6.51 11.62
C LEU E 42 -2.35 -6.27 10.50
N ALA E 43 -3.47 -5.61 10.80
CA ALA E 43 -4.42 -5.25 9.76
C ALA E 43 -3.72 -4.51 8.63
N TYR E 44 -2.88 -3.54 8.98
CA TYR E 44 -2.24 -2.74 7.95
C TYR E 44 -1.25 -3.56 7.13
N GLN E 45 -0.45 -4.41 7.79
CA GLN E 45 0.55 -5.21 7.11
C GLN E 45 -0.12 -6.22 6.17
N LEU E 46 -1.16 -6.90 6.66
CA LEU E 46 -1.93 -7.80 5.83
C LEU E 46 -2.57 -7.07 4.67
N GLY E 47 -3.05 -5.85 4.91
CA GLY E 47 -3.63 -5.06 3.83
C GLY E 47 -2.65 -4.75 2.72
N LEU E 48 -1.38 -4.51 3.07
CA LEU E 48 -0.34 -4.34 2.05
C LEU E 48 -0.13 -5.63 1.28
N ASP E 49 -0.01 -6.75 2.01
CA ASP E 49 0.17 -8.06 1.37
C ASP E 49 -0.98 -8.35 0.42
N GLU E 50 -2.21 -8.21 0.93
CA GLU E 50 -3.41 -8.48 0.15
C GLU E 50 -3.44 -7.65 -1.13
N SER E 51 -3.20 -6.33 -1.03
CA SER E 51 -3.27 -5.50 -2.22
C SER E 51 -2.20 -5.89 -3.23
N ARG E 52 -1.01 -6.31 -2.77
CA ARG E 52 0.03 -6.70 -3.70
C ARG E 52 -0.38 -7.94 -4.49
N GLU E 53 -0.98 -8.93 -3.83
CA GLU E 53 -1.42 -10.13 -4.53
C GLU E 53 -2.62 -9.88 -5.43
N MET E 54 -3.41 -8.85 -5.13
CA MET E 54 -4.51 -8.49 -6.03
C MET E 54 -3.98 -7.86 -7.32
N THR E 55 -2.94 -7.02 -7.21
CA THR E 55 -2.26 -6.50 -8.38
C THR E 55 -1.58 -7.62 -9.19
N ARG E 56 -0.94 -8.59 -8.52
CA ARG E 56 -0.32 -9.71 -9.22
C ARG E 56 -1.35 -10.52 -10.00
N GLY E 57 -2.47 -10.85 -9.34
CA GLY E 57 -3.46 -11.70 -9.98
C GLY E 57 -4.14 -11.04 -11.15
N LYS E 58 -4.33 -9.72 -11.08
CA LYS E 58 -4.97 -9.00 -12.17
C LYS E 58 -4.17 -9.13 -13.46
N PHE E 59 -2.86 -8.93 -13.37
CA PHE E 59 -2.00 -8.99 -14.53
C PHE E 59 -1.51 -10.40 -14.84
N LEU E 60 -2.05 -11.42 -14.18
CA LEU E 60 -1.90 -12.79 -14.62
C LEU E 60 -3.19 -13.31 -15.21
N ASN E 61 -4.26 -12.52 -15.16
CA ASN E 61 -5.53 -12.84 -15.79
C ASN E 61 -6.05 -14.18 -15.32
N ILE E 62 -5.89 -14.45 -14.03
CA ILE E 62 -6.39 -15.70 -13.47
C ILE E 62 -7.90 -15.75 -13.57
N LEU E 63 -8.58 -14.60 -13.47
CA LEU E 63 -10.03 -14.56 -13.41
C LEU E 63 -10.68 -14.14 -14.73
N GLU E 64 -10.02 -14.33 -15.86
CA GLU E 64 -10.71 -14.20 -17.13
C GLU E 64 -11.52 -15.47 -17.41
N LYS E 65 -12.73 -15.30 -17.95
CA LYS E 65 -13.55 -16.45 -18.28
C LYS E 65 -12.94 -17.20 -19.46
N PRO E 66 -13.11 -18.53 -19.50
CA PRO E 66 -12.72 -19.27 -20.71
C PRO E 66 -13.47 -18.75 -21.94
N LYS E 67 -12.74 -18.57 -23.03
CA LYS E 67 -13.35 -18.20 -24.30
C LYS E 67 -13.11 -19.23 -25.39
N LYS E 68 -12.15 -20.12 -25.20
CA LYS E 68 -11.90 -21.20 -26.15
C LYS E 68 -12.05 -22.52 -25.39
N ARG F 15 15.06 30.75 -7.56
CA ARG F 15 13.97 31.16 -8.44
C ARG F 15 12.97 30.05 -8.70
N ASP F 16 11.72 30.39 -8.36
CA ASP F 16 10.52 29.58 -8.50
C ASP F 16 10.33 28.68 -7.29
N ASP F 17 11.43 28.21 -6.71
CA ASP F 17 11.36 27.48 -5.46
C ASP F 17 11.57 28.41 -4.28
N ILE F 18 12.49 29.38 -4.42
CA ILE F 18 12.44 30.52 -3.52
C ILE F 18 11.07 31.16 -3.66
N ASP F 19 10.48 31.11 -4.87
CA ASP F 19 9.11 31.57 -5.03
C ASP F 19 8.13 30.67 -4.27
N MET F 20 8.33 29.35 -4.34
CA MET F 20 7.49 28.44 -3.57
C MET F 20 7.64 28.68 -2.08
N LEU F 21 8.89 28.82 -1.62
CA LEU F 21 9.22 29.17 -0.26
C LEU F 21 8.54 30.47 0.19
N LYS F 22 8.59 31.51 -0.66
CA LYS F 22 7.94 32.77 -0.33
C LYS F 22 6.43 32.62 -0.26
N GLU F 23 5.84 31.90 -1.22
CA GLU F 23 4.40 31.70 -1.20
C GLU F 23 3.95 30.91 0.02
N LEU F 24 4.69 29.86 0.40
CA LEU F 24 4.36 29.17 1.64
C LEU F 24 4.44 30.12 2.83
N GLY F 25 5.44 31.00 2.85
CA GLY F 25 5.59 31.94 3.95
C GLY F 25 4.46 32.96 4.04
N SER F 26 3.73 33.17 2.96
CA SER F 26 2.64 34.12 2.90
C SER F 26 1.30 33.53 3.30
N LEU F 27 1.25 32.25 3.67
CA LEU F 27 -0.01 31.64 4.08
C LEU F 27 -0.27 31.86 5.58
N THR F 28 -1.54 31.85 5.95
CA THR F 28 -1.91 31.74 7.35
C THR F 28 -1.46 30.40 7.92
N THR F 29 -1.37 30.34 9.25
CA THR F 29 -1.06 29.07 9.90
C THR F 29 -2.09 28.01 9.53
N ALA F 30 -3.37 28.38 9.56
CA ALA F 30 -4.42 27.42 9.21
C ALA F 30 -4.23 26.86 7.80
N ASN F 31 -3.88 27.72 6.83
CA ASN F 31 -3.72 27.26 5.45
C ASN F 31 -2.39 26.54 5.21
N LEU F 32 -1.32 26.96 5.89
CA LEU F 32 -0.06 26.23 5.80
C LEU F 32 -0.21 24.84 6.39
N MET F 33 -0.84 24.75 7.56
CA MET F 33 -1.10 23.43 8.13
C MET F 33 -1.98 22.61 7.17
N GLU F 34 -2.96 23.26 6.55
CA GLU F 34 -3.80 22.61 5.55
C GLU F 34 -2.97 22.12 4.37
N LYS F 35 -2.02 22.94 3.90
CA LYS F 35 -1.16 22.56 2.79
C LYS F 35 -0.26 21.39 3.17
N VAL F 36 0.42 21.50 4.32
CA VAL F 36 1.29 20.43 4.80
C VAL F 36 0.55 19.10 4.87
N ARG F 37 -0.68 19.14 5.40
CA ARG F 37 -1.50 17.94 5.51
C ARG F 37 -1.90 17.42 4.13
N GLY F 38 -2.23 18.32 3.20
CA GLY F 38 -2.47 17.88 1.85
C GLY F 38 -1.27 17.18 1.24
N LEU F 39 -0.07 17.71 1.48
CA LEU F 39 1.15 17.13 0.92
C LEU F 39 1.44 15.77 1.54
N GLN F 40 1.19 15.63 2.84
CA GLN F 40 1.41 14.35 3.47
C GLN F 40 0.49 13.29 2.88
N ASN F 41 -0.79 13.63 2.71
CA ASN F 41 -1.75 12.73 2.09
C ASN F 41 -1.33 12.43 0.65
N LEU F 42 -0.78 13.42 -0.05
CA LEU F 42 -0.34 13.17 -1.42
C LEU F 42 0.83 12.19 -1.44
N ALA F 43 1.79 12.35 -0.53
CA ALA F 43 2.88 11.39 -0.43
C ALA F 43 2.31 9.99 -0.32
N TYR F 44 1.30 9.83 0.55
CA TYR F 44 0.75 8.50 0.78
C TYR F 44 0.05 7.95 -0.45
N GLN F 45 -0.72 8.77 -1.17
CA GLN F 45 -1.39 8.27 -2.36
C GLN F 45 -0.37 7.89 -3.43
N LEU F 46 0.62 8.76 -3.66
CA LEU F 46 1.69 8.47 -4.60
C LEU F 46 2.45 7.22 -4.17
N GLY F 47 2.63 7.03 -2.86
CA GLY F 47 3.25 5.80 -2.39
C GLY F 47 2.45 4.56 -2.78
N LEU F 48 1.12 4.65 -2.69
CA LEU F 48 0.29 3.52 -3.12
C LEU F 48 0.43 3.26 -4.61
N ASP F 49 0.35 4.32 -5.44
CA ASP F 49 0.51 4.18 -6.89
C ASP F 49 1.87 3.58 -7.23
N GLU F 50 2.93 4.18 -6.68
CA GLU F 50 4.30 3.74 -6.94
C GLU F 50 4.47 2.25 -6.62
N SER F 51 3.97 1.81 -5.46
CA SER F 51 4.12 0.42 -5.08
C SER F 51 3.35 -0.51 -6.00
N ARG F 52 2.20 -0.06 -6.50
CA ARG F 52 1.44 -0.90 -7.42
C ARG F 52 2.17 -1.09 -8.74
N GLU F 53 2.77 -0.02 -9.28
CA GLU F 53 3.49 -0.13 -10.55
C GLU F 53 4.80 -0.91 -10.40
N MET F 54 5.40 -0.92 -9.21
CA MET F 54 6.60 -1.73 -9.02
C MET F 54 6.26 -3.22 -9.05
N THR F 55 5.14 -3.61 -8.43
CA THR F 55 4.65 -4.97 -8.50
C THR F 55 4.31 -5.36 -9.94
N ARG F 56 3.67 -4.45 -10.66
CA ARG F 56 3.30 -4.65 -12.05
C ARG F 56 4.54 -4.87 -12.92
N GLY F 57 5.57 -4.03 -12.74
CA GLY F 57 6.75 -4.14 -13.57
C GLY F 57 7.55 -5.40 -13.27
N LYS F 58 7.59 -5.82 -12.00
CA LYS F 58 8.32 -7.02 -11.62
C LYS F 58 7.79 -8.26 -12.33
N PHE F 59 6.47 -8.41 -12.39
CA PHE F 59 5.87 -9.56 -13.01
C PHE F 59 5.66 -9.35 -14.50
N LEU F 60 6.25 -8.31 -15.07
CA LEU F 60 6.43 -8.21 -16.51
C LEU F 60 7.88 -8.41 -16.89
N ASN F 61 8.77 -8.52 -15.91
CA ASN F 61 10.19 -8.79 -16.14
C ASN F 61 10.80 -7.76 -17.09
N ILE F 62 10.42 -6.49 -16.91
CA ILE F 62 10.94 -5.44 -17.77
C ILE F 62 12.44 -5.25 -17.58
N LEU F 63 12.96 -5.49 -16.37
CA LEU F 63 14.36 -5.22 -16.07
C LEU F 63 15.22 -6.49 -16.03
N GLU F 64 14.81 -7.55 -16.73
CA GLU F 64 15.69 -8.69 -16.96
C GLU F 64 16.69 -8.37 -18.06
N LYS F 65 17.94 -8.78 -17.87
CA LYS F 65 18.99 -8.54 -18.87
C LYS F 65 18.74 -9.37 -20.13
N PRO F 66 19.12 -8.84 -21.30
CA PRO F 66 19.08 -9.67 -22.52
C PRO F 66 19.99 -10.89 -22.39
N LYS F 67 19.44 -12.07 -22.71
CA LYS F 67 20.20 -13.31 -22.68
C LYS F 67 20.25 -14.05 -24.01
N LYS F 68 19.43 -13.68 -24.99
CA LYS F 68 19.49 -14.25 -26.34
C LYS F 68 19.71 -13.12 -27.35
#